data_6B8W
#
_entry.id   6B8W
#
_cell.length_a   66.269
_cell.length_b   66.269
_cell.length_c   116.319
_cell.angle_alpha   90.00
_cell.angle_beta   90.00
_cell.angle_gamma   90.00
#
_symmetry.space_group_name_H-M   'P 41 21 2'
#
loop_
_entity.id
_entity.type
_entity.pdbx_description
1 polymer 'XRE family transcriptional regulator'
2 non-polymer 'THIOCYANATE ION'
3 non-polymer 'MANGANESE (II) ION'
4 water water
#
_entity_poly.entity_id   1
_entity_poly.type   'polypeptide(L)'
_entity_poly.pdbx_seq_one_letter_code
;QAMVVKPLFPWDETLKFDHFSIILAPGALSESTPHEAGVIEHVVVISGELEMKIDGEWRTLYPDQGVRFAGDKPHAYRNS
SSRPVHFHSLIHYPR
;
_entity_poly.pdbx_strand_id   A,B
#
loop_
_chem_comp.id
_chem_comp.type
_chem_comp.name
_chem_comp.formula
MN non-polymer 'MANGANESE (II) ION' 'Mn 2'
SCN non-polymer 'THIOCYANATE ION' 'C N S -1'
#
# COMPACT_ATOMS: atom_id res chain seq x y z
N GLN A 1 20.32 -6.31 -9.48
CA GLN A 1 20.35 -4.95 -8.83
C GLN A 1 19.87 -5.02 -7.37
N ALA A 2 20.65 -4.39 -6.48
CA ALA A 2 20.38 -4.41 -5.04
C ALA A 2 19.00 -3.88 -4.63
N MET A 3 18.59 -2.76 -5.20
CA MET A 3 17.31 -2.14 -4.87
C MET A 3 16.66 -1.59 -6.15
N VAL A 4 15.41 -2.01 -6.41
CA VAL A 4 14.65 -1.54 -7.56
C VAL A 4 13.41 -0.83 -7.03
N VAL A 5 13.29 0.44 -7.37
CA VAL A 5 12.19 1.29 -6.92
C VAL A 5 11.29 1.64 -8.10
N LYS A 6 9.99 1.54 -7.87
CA LYS A 6 8.96 1.80 -8.86
C LYS A 6 7.81 2.59 -8.20
N PRO A 7 7.43 3.76 -8.75
CA PRO A 7 6.28 4.44 -8.17
C PRO A 7 4.99 3.68 -8.52
N LEU A 8 4.11 3.44 -7.54
CA LEU A 8 2.85 2.74 -7.84
C LEU A 8 1.85 3.67 -8.51
N PHE A 9 1.94 4.94 -8.15
CA PHE A 9 1.09 5.97 -8.67
C PHE A 9 2.01 7.15 -8.86
N PRO A 10 1.68 8.04 -9.80
CA PRO A 10 2.54 9.21 -9.91
C PRO A 10 2.31 10.10 -8.68
N TRP A 11 3.25 11.02 -8.48
CA TRP A 11 3.18 12.01 -7.44
C TRP A 11 1.75 12.59 -7.39
N ASP A 12 1.18 12.67 -6.19
CA ASP A 12 -0.19 13.12 -6.00
C ASP A 12 -0.15 14.51 -5.36
N GLU A 13 -0.37 15.55 -6.17
N GLU A 13 -0.37 15.55 -6.16
CA GLU A 13 -0.31 16.94 -5.71
CA GLU A 13 -0.28 16.94 -5.69
C GLU A 13 -1.35 17.30 -4.66
C GLU A 13 -1.35 17.30 -4.64
N THR A 14 -2.57 16.80 -4.85
CA THR A 14 -3.67 17.05 -3.93
C THR A 14 -3.47 16.42 -2.56
N LEU A 15 -3.03 15.16 -2.55
CA LEU A 15 -2.80 14.48 -1.31
C LEU A 15 -1.37 14.68 -0.75
N LYS A 16 -0.47 15.29 -1.53
CA LYS A 16 0.95 15.46 -1.16
C LYS A 16 1.44 14.10 -0.71
N PHE A 17 1.39 13.16 -1.62
CA PHE A 17 1.59 11.74 -1.31
C PHE A 17 2.29 10.96 -2.42
N ASP A 18 3.29 10.19 -2.03
CA ASP A 18 4.02 9.29 -2.92
C ASP A 18 3.80 7.88 -2.39
N HIS A 19 3.85 6.92 -3.30
CA HIS A 19 3.61 5.53 -2.97
C HIS A 19 4.57 4.73 -3.86
N PHE A 20 5.59 4.16 -3.25
CA PHE A 20 6.61 3.44 -3.96
C PHE A 20 6.54 1.96 -3.68
N SER A 21 6.91 1.18 -4.68
CA SER A 21 7.02 -0.25 -4.58
C SER A 21 8.51 -0.54 -4.71
N ILE A 22 9.08 -1.22 -3.72
N ILE A 22 9.09 -1.15 -3.67
CA ILE A 22 10.52 -1.46 -3.65
CA ILE A 22 10.53 -1.43 -3.62
C ILE A 22 10.84 -2.92 -3.47
C ILE A 22 10.85 -2.92 -3.47
N ILE A 23 11.81 -3.41 -4.25
CA ILE A 23 12.28 -4.78 -4.14
C ILE A 23 13.77 -4.70 -3.72
N LEU A 24 14.08 -5.32 -2.59
CA LEU A 24 15.42 -5.31 -2.01
C LEU A 24 15.99 -6.73 -2.07
N ALA A 25 17.13 -6.86 -2.75
CA ALA A 25 17.77 -8.16 -2.95
C ALA A 25 18.37 -8.71 -1.67
N PRO A 26 18.56 -10.03 -1.59
CA PRO A 26 19.17 -10.62 -0.40
C PRO A 26 20.49 -9.95 -0.05
N GLY A 27 20.65 -9.59 1.20
CA GLY A 27 21.88 -8.98 1.70
C GLY A 27 22.02 -7.48 1.48
N ALA A 28 21.08 -6.88 0.74
CA ALA A 28 21.13 -5.47 0.46
C ALA A 28 20.75 -4.62 1.67
N LEU A 29 21.41 -3.47 1.78
CA LEU A 29 21.21 -2.48 2.81
C LEU A 29 21.03 -1.14 2.13
N SER A 30 19.96 -0.43 2.49
CA SER A 30 19.70 0.90 1.96
C SER A 30 19.43 1.87 3.11
N GLU A 31 20.22 2.95 3.17
CA GLU A 31 20.03 3.98 4.18
C GLU A 31 19.17 5.09 3.56
N SER A 32 18.21 5.60 4.30
CA SER A 32 17.31 6.64 3.79
C SER A 32 18.05 7.92 3.47
N THR A 33 17.54 8.66 2.50
CA THR A 33 18.10 9.97 2.21
C THR A 33 17.29 10.98 3.07
N PRO A 34 17.81 12.20 3.26
CA PRO A 34 17.08 13.15 4.11
C PRO A 34 15.75 13.57 3.50
N HIS A 35 14.76 13.80 4.36
CA HIS A 35 13.44 14.25 3.93
C HIS A 35 13.13 15.55 4.62
N GLU A 36 12.15 16.27 4.08
CA GLU A 36 11.69 17.50 4.66
C GLU A 36 11.15 17.24 6.08
N ALA A 37 11.41 18.18 6.98
CA ALA A 37 10.88 18.10 8.37
C ALA A 37 9.38 17.85 8.35
N GLY A 38 8.90 16.89 9.14
CA GLY A 38 7.47 16.61 9.22
C GLY A 38 6.95 15.52 8.29
N VAL A 39 7.78 15.02 7.38
CA VAL A 39 7.36 13.93 6.49
C VAL A 39 7.06 12.67 7.31
N ILE A 40 5.97 11.99 6.96
CA ILE A 40 5.61 10.73 7.59
C ILE A 40 5.80 9.63 6.54
N GLU A 41 6.41 8.53 6.95
CA GLU A 41 6.60 7.37 6.11
C GLU A 41 5.90 6.13 6.71
N HIS A 42 5.28 5.33 5.84
CA HIS A 42 4.71 4.04 6.22
C HIS A 42 5.44 3.01 5.36
N VAL A 43 5.85 1.92 5.99
CA VAL A 43 6.42 0.79 5.28
C VAL A 43 5.48 -0.38 5.56
N VAL A 44 5.09 -1.08 4.50
N VAL A 44 5.09 -1.10 4.52
CA VAL A 44 4.26 -2.29 4.59
CA VAL A 44 4.27 -2.30 4.67
C VAL A 44 4.94 -3.35 3.77
C VAL A 44 4.89 -3.36 3.78
N VAL A 45 5.19 -4.52 4.36
CA VAL A 45 5.82 -5.63 3.62
C VAL A 45 4.76 -6.35 2.80
N ILE A 46 5.08 -6.63 1.54
CA ILE A 46 4.18 -7.31 0.63
C ILE A 46 4.54 -8.77 0.57
N SER A 47 5.81 -9.06 0.28
CA SER A 47 6.30 -10.46 0.25
C SER A 47 7.75 -10.50 0.77
N GLY A 48 8.11 -11.60 1.42
CA GLY A 48 9.44 -11.74 1.98
C GLY A 48 9.48 -11.25 3.41
N GLU A 49 10.67 -10.89 3.87
CA GLU A 49 10.93 -10.42 5.23
C GLU A 49 11.83 -9.21 5.14
N LEU A 50 11.44 -8.14 5.81
CA LEU A 50 12.21 -6.91 5.81
C LEU A 50 12.71 -6.54 7.21
N GLU A 51 13.94 -6.06 7.27
CA GLU A 51 14.45 -5.49 8.50
C GLU A 51 14.44 -3.97 8.35
N MET A 52 13.87 -3.27 9.34
CA MET A 52 13.82 -1.81 9.36
C MET A 52 14.56 -1.30 10.59
N LYS A 53 15.41 -0.32 10.38
CA LYS A 53 16.14 0.32 11.45
C LYS A 53 15.45 1.68 11.63
N ILE A 54 14.82 1.87 12.79
CA ILE A 54 14.06 3.08 13.09
C ILE A 54 14.42 3.44 14.53
N ASP A 55 14.68 4.73 14.76
CA ASP A 55 15.12 5.22 16.06
C ASP A 55 16.35 4.45 16.56
N GLY A 56 17.24 4.09 15.64
CA GLY A 56 18.48 3.39 15.99
C GLY A 56 18.35 1.89 16.32
N GLU A 57 17.16 1.31 16.11
CA GLU A 57 16.93 -0.12 16.46
C GLU A 57 16.32 -0.88 15.30
N TRP A 58 16.83 -2.10 15.08
CA TRP A 58 16.33 -3.00 14.06
C TRP A 58 15.12 -3.79 14.51
N ARG A 59 14.20 -4.04 13.58
CA ARG A 59 13.04 -4.91 13.80
C ARG A 59 12.78 -5.63 12.49
N THR A 60 12.16 -6.80 12.57
CA THR A 60 11.80 -7.60 11.41
C THR A 60 10.30 -7.48 11.16
N LEU A 61 9.93 -7.21 9.91
CA LEU A 61 8.54 -7.10 9.48
C LEU A 61 8.24 -8.19 8.47
N TYR A 62 7.09 -8.85 8.65
CA TYR A 62 6.64 -9.93 7.77
C TYR A 62 5.48 -9.38 6.89
N PRO A 63 5.05 -10.15 5.87
CA PRO A 63 3.98 -9.70 4.97
C PRO A 63 2.76 -9.14 5.65
N ASP A 64 2.31 -7.98 5.15
CA ASP A 64 1.17 -7.22 5.66
C ASP A 64 1.40 -6.59 7.04
N GLN A 65 2.65 -6.64 7.52
CA GLN A 65 3.01 -5.95 8.73
C GLN A 65 3.59 -4.64 8.28
N GLY A 66 3.41 -3.61 9.11
CA GLY A 66 3.89 -2.29 8.78
C GLY A 66 4.29 -1.44 9.96
N VAL A 67 4.88 -0.30 9.66
CA VAL A 67 5.30 0.64 10.66
C VAL A 67 5.16 2.04 10.09
N ARG A 68 4.70 2.96 10.94
CA ARG A 68 4.53 4.36 10.60
C ARG A 68 5.57 5.12 11.40
N PHE A 69 6.32 6.02 10.74
CA PHE A 69 7.36 6.74 11.45
C PHE A 69 7.75 8.04 10.77
N ALA A 70 8.58 8.80 11.49
CA ALA A 70 9.08 10.08 11.03
C ALA A 70 10.11 9.84 9.94
N GLY A 71 9.76 10.20 8.71
CA GLY A 71 10.59 9.95 7.54
C GLY A 71 11.83 10.82 7.47
N ASP A 72 11.80 11.93 8.20
CA ASP A 72 12.93 12.86 8.24
C ASP A 72 14.03 12.43 9.23
N LYS A 73 13.85 11.32 9.94
CA LYS A 73 14.90 10.83 10.85
C LYS A 73 15.64 9.69 10.14
N PRO A 74 16.96 9.54 10.40
CA PRO A 74 17.71 8.46 9.73
C PRO A 74 17.09 7.09 9.97
N HIS A 75 16.95 6.32 8.90
CA HIS A 75 16.40 4.96 8.99
C HIS A 75 17.02 4.15 7.89
N ALA A 76 16.84 2.83 7.97
CA ALA A 76 17.47 1.95 7.02
C ALA A 76 16.60 0.76 6.73
N TYR A 77 16.84 0.15 5.58
CA TYR A 77 16.09 -0.98 5.13
C TYR A 77 17.11 -2.07 4.83
N ARG A 78 16.85 -3.28 5.29
CA ARG A 78 17.81 -4.35 5.08
C ARG A 78 17.11 -5.67 4.83
N ASN A 79 17.69 -6.47 3.92
CA ASN A 79 17.18 -7.80 3.63
C ASN A 79 18.22 -8.81 4.08
N SER A 80 17.93 -9.49 5.19
CA SER A 80 18.81 -10.55 5.72
C SER A 80 18.29 -11.95 5.43
N SER A 81 17.25 -12.07 4.59
CA SER A 81 16.73 -13.37 4.19
C SER A 81 17.46 -13.80 2.91
N SER A 82 17.13 -14.97 2.39
CA SER A 82 17.75 -15.50 1.17
C SER A 82 16.95 -15.30 -0.14
N ARG A 83 15.92 -14.45 -0.09
N ARG A 83 15.92 -14.45 -0.11
CA ARG A 83 15.13 -14.13 -1.28
CA ARG A 83 15.16 -14.16 -1.31
C ARG A 83 14.78 -12.65 -1.28
C ARG A 83 14.74 -12.68 -1.27
N PRO A 84 14.40 -12.10 -2.45
CA PRO A 84 14.02 -10.68 -2.47
C PRO A 84 12.86 -10.35 -1.52
N VAL A 85 12.87 -9.13 -1.00
CA VAL A 85 11.76 -8.66 -0.17
C VAL A 85 11.11 -7.51 -0.92
N HIS A 86 9.78 -7.59 -1.07
CA HIS A 86 9.00 -6.59 -1.75
C HIS A 86 8.20 -5.83 -0.69
N PHE A 87 8.36 -4.50 -0.65
CA PHE A 87 7.60 -3.70 0.31
C PHE A 87 7.15 -2.43 -0.34
N HIS A 88 6.18 -1.77 0.28
CA HIS A 88 5.75 -0.46 -0.18
C HIS A 88 6.20 0.57 0.82
N SER A 89 6.55 1.73 0.30
CA SER A 89 6.94 2.87 1.10
C SER A 89 5.99 4.00 0.73
N LEU A 90 5.19 4.44 1.68
CA LEU A 90 4.26 5.53 1.48
C LEU A 90 4.81 6.75 2.16
N ILE A 91 4.77 7.88 1.46
CA ILE A 91 5.29 9.13 2.01
C ILE A 91 4.24 10.21 1.96
N HIS A 92 3.92 10.80 3.12
CA HIS A 92 3.01 11.95 3.20
C HIS A 92 3.87 13.17 3.54
N TYR A 93 3.89 14.15 2.65
CA TYR A 93 4.68 15.36 2.82
C TYR A 93 3.82 16.40 3.56
N PRO A 94 4.43 17.24 4.43
CA PRO A 94 3.61 18.18 5.20
C PRO A 94 3.08 19.38 4.40
N ARG A 95 1.92 19.89 4.81
CA ARG A 95 1.32 21.06 4.17
C ARG A 95 1.39 22.26 5.13
N GLN B 1 -14.22 -16.13 5.05
CA GLN B 1 -15.49 -16.16 4.25
C GLN B 1 -15.24 -15.58 2.84
N ALA B 2 -16.31 -15.16 2.16
CA ALA B 2 -16.20 -14.54 0.83
C ALA B 2 -15.24 -13.34 0.81
N MET B 3 -15.24 -12.53 1.87
CA MET B 3 -14.35 -11.36 1.95
C MET B 3 -13.77 -11.25 3.35
N VAL B 4 -12.45 -11.05 3.44
CA VAL B 4 -11.76 -10.89 4.72
C VAL B 4 -11.04 -9.55 4.66
N VAL B 5 -11.37 -8.65 5.60
CA VAL B 5 -10.80 -7.32 5.67
C VAL B 5 -9.94 -7.17 6.94
N LYS B 6 -8.79 -6.52 6.79
CA LYS B 6 -7.84 -6.33 7.88
C LYS B 6 -7.16 -4.95 7.79
N PRO B 7 -7.32 -4.08 8.82
CA PRO B 7 -6.62 -2.79 8.80
C PRO B 7 -5.10 -2.98 8.93
N LEU B 8 -4.35 -2.39 8.02
CA LEU B 8 -2.87 -2.49 8.04
C LEU B 8 -2.31 -1.55 9.10
N PHE B 9 -3.03 -0.45 9.31
CA PHE B 9 -2.71 0.54 10.33
C PHE B 9 -4.05 1.01 10.89
N PRO B 10 -4.05 1.43 12.16
CA PRO B 10 -5.29 1.98 12.70
C PRO B 10 -5.60 3.35 12.05
N TRP B 11 -6.82 3.83 12.22
CA TRP B 11 -7.21 5.13 11.68
C TRP B 11 -6.13 6.17 12.01
N ASP B 12 -5.76 6.97 11.01
CA ASP B 12 -4.72 8.00 11.17
C ASP B 12 -5.41 9.36 11.27
N GLU B 13 -5.55 9.87 12.48
CA GLU B 13 -6.25 11.14 12.68
C GLU B 13 -5.54 12.33 12.02
N THR B 14 -4.22 12.40 12.15
CA THR B 14 -3.46 13.50 11.59
C THR B 14 -3.40 13.46 10.06
N LEU B 15 -3.32 12.26 9.47
CA LEU B 15 -3.27 12.15 7.99
C LEU B 15 -4.65 11.86 7.33
N LYS B 16 -5.70 11.65 8.13
CA LYS B 16 -7.08 11.41 7.61
C LYS B 16 -7.03 10.27 6.60
N PHE B 17 -6.45 9.17 7.02
CA PHE B 17 -6.15 8.06 6.12
C PHE B 17 -6.34 6.69 6.76
N ASP B 18 -7.04 5.80 6.05
CA ASP B 18 -7.20 4.36 6.41
C ASP B 18 -6.46 3.51 5.37
N HIS B 19 -6.00 2.35 5.80
CA HIS B 19 -5.21 1.47 4.93
C HIS B 19 -5.61 0.05 5.27
N PHE B 20 -6.19 -0.67 4.30
CA PHE B 20 -6.71 -2.02 4.53
C PHE B 20 -6.14 -3.06 3.60
N SER B 21 -6.12 -4.31 4.08
CA SER B 21 -5.79 -5.48 3.27
C SER B 21 -7.10 -6.25 3.15
N ILE B 22 -7.38 -6.74 1.94
CA ILE B 22 -8.61 -7.47 1.66
C ILE B 22 -8.30 -8.72 0.84
N ILE B 23 -8.96 -9.83 1.18
CA ILE B 23 -8.85 -11.08 0.43
C ILE B 23 -10.29 -11.45 0.00
N LEU B 24 -10.50 -11.56 -1.31
CA LEU B 24 -11.80 -11.93 -1.89
C LEU B 24 -11.73 -13.32 -2.46
N ALA B 25 -12.62 -14.19 -1.99
CA ALA B 25 -12.68 -15.56 -2.46
C ALA B 25 -13.18 -15.62 -3.90
N PRO B 26 -12.89 -16.73 -4.59
CA PRO B 26 -13.39 -16.89 -5.95
C PRO B 26 -14.92 -16.75 -5.99
N GLY B 27 -15.39 -16.01 -6.98
CA GLY B 27 -16.81 -15.77 -7.19
C GLY B 27 -17.41 -14.70 -6.28
N ALA B 28 -16.62 -14.11 -5.38
CA ALA B 28 -17.15 -13.11 -4.45
C ALA B 28 -17.38 -11.78 -5.13
N LEU B 29 -18.41 -11.07 -4.68
CA LEU B 29 -18.78 -9.76 -5.17
C LEU B 29 -19.06 -8.87 -3.98
N SER B 30 -18.43 -7.71 -3.93
CA SER B 30 -18.61 -6.73 -2.87
C SER B 30 -18.95 -5.40 -3.51
N GLU B 31 -20.13 -4.89 -3.18
CA GLU B 31 -20.63 -3.62 -3.69
C GLU B 31 -20.61 -2.63 -2.56
N SER B 32 -19.79 -1.60 -2.68
CA SER B 32 -19.68 -0.61 -1.62
C SER B 32 -20.66 0.54 -1.76
N THR B 33 -21.03 1.10 -0.62
CA THR B 33 -21.82 2.31 -0.55
C THR B 33 -20.78 3.40 -0.79
N PRO B 34 -21.13 4.45 -1.53
CA PRO B 34 -20.14 5.50 -1.73
C PRO B 34 -19.67 6.12 -0.40
N HIS B 35 -18.37 6.41 -0.31
CA HIS B 35 -17.82 7.03 0.88
C HIS B 35 -18.20 8.52 0.87
N GLU B 36 -17.78 9.26 1.91
CA GLU B 36 -18.07 10.69 2.01
C GLU B 36 -17.54 11.46 0.81
N ALA B 37 -18.13 12.61 0.51
CA ALA B 37 -17.69 13.43 -0.63
C ALA B 37 -16.22 13.83 -0.49
N GLY B 38 -15.49 13.84 -1.61
CA GLY B 38 -14.09 14.23 -1.61
C GLY B 38 -13.11 13.13 -1.21
N VAL B 39 -13.61 11.95 -0.87
CA VAL B 39 -12.75 10.83 -0.50
C VAL B 39 -12.02 10.28 -1.72
N ILE B 40 -10.71 10.02 -1.57
CA ILE B 40 -9.91 9.44 -2.63
C ILE B 40 -9.47 8.05 -2.21
N GLU B 41 -9.64 7.08 -3.10
CA GLU B 41 -9.26 5.70 -2.86
C GLU B 41 -8.24 5.21 -3.83
N HIS B 42 -7.38 4.33 -3.34
CA HIS B 42 -6.39 3.68 -4.17
C HIS B 42 -6.57 2.18 -3.92
N VAL B 43 -6.38 1.38 -4.94
CA VAL B 43 -6.41 -0.05 -4.80
C VAL B 43 -5.19 -0.58 -5.52
N VAL B 44 -4.51 -1.54 -4.88
CA VAL B 44 -3.33 -2.20 -5.45
C VAL B 44 -3.51 -3.68 -5.25
N VAL B 45 -3.30 -4.46 -6.30
CA VAL B 45 -3.41 -5.91 -6.21
C VAL B 45 -2.07 -6.47 -5.74
N ILE B 46 -2.12 -7.36 -4.75
CA ILE B 46 -0.92 -7.98 -4.18
C ILE B 46 -0.67 -9.29 -4.89
N SER B 47 -1.70 -10.14 -4.94
CA SER B 47 -1.61 -11.41 -5.66
C SER B 47 -3.00 -11.74 -6.22
N GLY B 48 -3.02 -12.54 -7.26
CA GLY B 48 -4.29 -12.90 -7.88
C GLY B 48 -4.73 -11.87 -8.92
N GLU B 49 -6.02 -11.85 -9.21
CA GLU B 49 -6.62 -10.97 -10.23
C GLU B 49 -7.91 -10.42 -9.69
N LEU B 50 -8.04 -9.10 -9.72
CA LEU B 50 -9.21 -8.41 -9.18
C LEU B 50 -9.98 -7.71 -10.27
N GLU B 51 -11.29 -7.86 -10.26
CA GLU B 51 -12.11 -7.09 -11.17
C GLU B 51 -12.69 -5.92 -10.36
N MET B 52 -12.66 -4.73 -10.94
N MET B 52 -12.67 -4.73 -10.94
CA MET B 52 -13.29 -3.59 -10.28
CA MET B 52 -13.25 -3.56 -10.30
C MET B 52 -14.26 -2.87 -11.22
C MET B 52 -14.25 -2.87 -11.21
N LYS B 53 -15.37 -2.44 -10.64
CA LYS B 53 -16.41 -1.71 -11.38
C LYS B 53 -16.32 -0.27 -10.90
N ILE B 54 -15.95 0.60 -11.84
CA ILE B 54 -15.78 2.04 -11.61
C ILE B 54 -16.55 2.69 -12.76
N ASP B 55 -17.37 3.69 -12.44
CA ASP B 55 -18.17 4.41 -13.43
C ASP B 55 -19.06 3.46 -14.26
N GLY B 56 -19.64 2.46 -13.60
CA GLY B 56 -20.49 1.49 -14.27
C GLY B 56 -19.79 0.58 -15.28
N GLU B 57 -18.46 0.51 -15.23
CA GLU B 57 -17.65 -0.32 -16.14
C GLU B 57 -16.70 -1.22 -15.35
N TRP B 58 -16.58 -2.50 -15.78
CA TRP B 58 -15.65 -3.46 -15.16
C TRP B 58 -14.29 -3.41 -15.83
N ARG B 59 -13.24 -3.65 -15.05
CA ARG B 59 -11.87 -3.75 -15.52
C ARG B 59 -11.13 -4.75 -14.60
N THR B 60 -10.15 -5.47 -15.14
CA THR B 60 -9.38 -6.45 -14.39
C THR B 60 -8.00 -5.87 -14.03
N LEU B 61 -7.63 -5.96 -12.75
CA LEU B 61 -6.34 -5.47 -12.22
C LEU B 61 -5.44 -6.64 -11.78
N TYR B 62 -4.14 -6.52 -12.05
CA TYR B 62 -3.15 -7.57 -11.73
C TYR B 62 -2.08 -7.05 -10.75
N PRO B 63 -1.26 -7.95 -10.17
CA PRO B 63 -0.26 -7.51 -9.20
C PRO B 63 0.62 -6.39 -9.72
N ASP B 64 0.99 -5.52 -8.78
CA ASP B 64 1.81 -4.34 -9.04
C ASP B 64 1.03 -3.24 -9.74
N GLN B 65 -0.19 -3.54 -10.19
CA GLN B 65 -1.04 -2.56 -10.85
C GLN B 65 -2.01 -2.03 -9.83
N GLY B 66 -2.42 -0.79 -10.03
CA GLY B 66 -3.35 -0.16 -9.14
C GLY B 66 -4.17 0.90 -9.82
N VAL B 67 -5.08 1.47 -9.08
CA VAL B 67 -5.92 2.51 -9.60
C VAL B 67 -6.28 3.48 -8.49
N ARG B 68 -6.37 4.75 -8.85
CA ARG B 68 -6.76 5.82 -7.93
C ARG B 68 -8.08 6.32 -8.44
N PHE B 69 -9.07 6.48 -7.58
CA PHE B 69 -10.40 6.93 -8.02
C PHE B 69 -11.18 7.64 -6.92
N ALA B 70 -12.28 8.30 -7.32
CA ALA B 70 -13.14 9.02 -6.39
C ALA B 70 -13.96 8.02 -5.57
N GLY B 71 -13.75 8.02 -4.25
CA GLY B 71 -14.43 7.08 -3.35
C GLY B 71 -15.92 7.33 -3.17
N ASP B 72 -16.36 8.57 -3.38
CA ASP B 72 -17.78 8.94 -3.24
C ASP B 72 -18.66 8.52 -4.43
N LYS B 73 -18.11 7.71 -5.34
CA LYS B 73 -18.90 7.17 -6.45
C LYS B 73 -19.22 5.72 -6.08
N PRO B 74 -20.33 5.19 -6.60
CA PRO B 74 -20.54 3.77 -6.35
C PRO B 74 -19.44 2.93 -7.06
N HIS B 75 -19.00 1.86 -6.43
CA HIS B 75 -18.02 0.99 -7.06
C HIS B 75 -18.12 -0.41 -6.50
N ALA B 76 -17.50 -1.37 -7.17
CA ALA B 76 -17.59 -2.74 -6.74
C ALA B 76 -16.32 -3.53 -7.04
N TYR B 77 -16.15 -4.60 -6.28
CA TYR B 77 -15.00 -5.50 -6.37
C TYR B 77 -15.56 -6.88 -6.61
N ARG B 78 -14.89 -7.64 -7.48
CA ARG B 78 -15.34 -8.98 -7.80
C ARG B 78 -14.16 -9.87 -8.16
N ASN B 79 -14.27 -11.15 -7.81
CA ASN B 79 -13.23 -12.13 -8.15
C ASN B 79 -13.86 -13.17 -9.03
N SER B 80 -13.47 -13.18 -10.30
CA SER B 80 -13.94 -14.14 -11.27
C SER B 80 -12.83 -15.15 -11.61
N SER B 81 -11.72 -15.13 -10.85
CA SER B 81 -10.64 -16.09 -11.04
C SER B 81 -10.96 -17.32 -10.19
N SER B 82 -10.15 -18.35 -10.32
CA SER B 82 -10.31 -19.58 -9.54
C SER B 82 -9.47 -19.56 -8.25
N ARG B 83 -8.75 -18.47 -8.00
CA ARG B 83 -7.91 -18.33 -6.80
C ARG B 83 -8.35 -17.10 -6.00
N PRO B 84 -8.06 -17.08 -4.69
CA PRO B 84 -8.37 -15.84 -3.95
C PRO B 84 -7.56 -14.68 -4.53
N VAL B 85 -8.05 -13.45 -4.34
CA VAL B 85 -7.31 -12.27 -4.77
C VAL B 85 -7.06 -11.45 -3.51
N HIS B 86 -5.81 -11.02 -3.35
CA HIS B 86 -5.40 -10.24 -2.20
C HIS B 86 -5.03 -8.85 -2.68
N PHE B 87 -5.65 -7.82 -2.11
CA PHE B 87 -5.34 -6.44 -2.49
C PHE B 87 -5.33 -5.50 -1.30
N HIS B 88 -4.72 -4.34 -1.51
CA HIS B 88 -4.73 -3.28 -0.51
C HIS B 88 -5.61 -2.16 -0.99
N SER B 89 -6.30 -1.53 -0.05
CA SER B 89 -7.16 -0.40 -0.33
C SER B 89 -6.76 0.76 0.58
N LEU B 90 -6.47 1.92 -0.01
CA LEU B 90 -6.14 3.12 0.74
C LEU B 90 -7.32 4.07 0.64
N ILE B 91 -7.64 4.75 1.73
CA ILE B 91 -8.74 5.72 1.75
C ILE B 91 -8.25 7.02 2.35
N HIS B 92 -8.27 8.10 1.58
CA HIS B 92 -7.89 9.42 2.10
C HIS B 92 -9.12 10.27 2.21
N TYR B 93 -9.35 10.85 3.40
CA TYR B 93 -10.53 11.70 3.64
C TYR B 93 -10.16 13.17 3.52
N PRO B 94 -11.12 14.01 3.09
CA PRO B 94 -10.84 15.43 2.91
C PRO B 94 -10.55 16.13 4.23
N ARG B 95 -9.63 17.07 4.18
CA ARG B 95 -9.24 17.85 5.34
C ARG B 95 -9.97 19.18 5.29
S SCN C . 7.84 20.16 10.79
C SCN C . 8.23 18.92 11.84
N SCN C . 8.49 18.05 12.56
MN MN D . -14.20 1.31 -1.37
#